data_9D9F
#
_entry.id   9D9F
#
_cell.length_a   73.874
_cell.length_b   73.874
_cell.length_c   108.817
_cell.angle_alpha   90
_cell.angle_beta   90
_cell.angle_gamma   90
#
_symmetry.space_group_name_H-M   'P 43 2 2'
#
loop_
_entity.id
_entity.type
_entity.pdbx_description
1 polymer 'Heat shock protein 90 homolog'
2 non-polymer (1P)-3-amino-6-[({1-[(2S)-2-(2,4-difluorophenyl)-2-hydroxy-3-(1H-1,2,4-triazol-1-yl)propyl]piperidin-4-yl}amino)methyl]-1-(4-phenyl-3,4-dihydro-2H-1,4-benzoxazin-6-yl)thieno[2,3-b]pyrazin-2(1H)-one
3 non-polymer 'MAGNESIUM ION'
4 water water
#
_entity_poly.entity_id   1
_entity_poly.type   'polypeptide(L)'
_entity_poly.pdbx_seq_one_letter_code
;GMADAKVETHEFTAEISQLMSLIINTVYSNKEIFLRELISNASDALDKIRYQALSDPSQLESEPELFIRIIPQKDQKVLE
IRDSGIGMTKADLVNNLGTIAKSGTKSFMEALSAGADVSMIGQFGVGFYSLFLVADHVQVISKHNDDEQYVWESNAGGKF
TVTLDETNERLGRGTMLRLFLKEDQLEYLEEKRIKEVVKKHSEFVAYPIQLVVTKEVEKEV
;
_entity_poly.pdbx_strand_id   A
#
loop_
_chem_comp.id
_chem_comp.type
_chem_comp.name
_chem_comp.formula
A1A26 non-polymer (1P)-3-amino-6-[({1-[(2S)-2-(2,4-difluorophenyl)-2-hydroxy-3-(1H-1,2,4-triazol-1-yl)propyl]piperidin-4-yl}amino)methyl]-1-(4-phenyl-3,4-dihydro-2H-1,4-benzoxazin-6-yl)thieno[2,3-b]pyrazin-2(1H)-one 'C37 H37 F2 N9 O3 S'
MG non-polymer 'MAGNESIUM ION' 'Mg 2'
#
# COMPACT_ATOMS: atom_id res chain seq x y z
N ALA A 5 -1.01 -2.67 23.11
CA ALA A 5 -1.44 -4.08 22.88
C ALA A 5 -2.92 -4.25 22.48
N LYS A 6 -3.81 -3.28 22.82
CA LYS A 6 -5.22 -3.27 22.41
C LYS A 6 -5.38 -3.12 20.88
N VAL A 7 -6.33 -3.85 20.29
CA VAL A 7 -6.81 -3.67 18.92
C VAL A 7 -7.83 -2.51 18.96
N GLU A 8 -7.47 -1.32 18.42
CA GLU A 8 -8.39 -0.19 18.26
C GLU A 8 -9.16 -0.34 16.93
N THR A 9 -10.51 -0.32 16.93
CA THR A 9 -11.31 -0.30 15.71
C THR A 9 -11.74 1.14 15.40
N HIS A 10 -11.67 1.50 14.11
CA HIS A 10 -12.10 2.79 13.59
C HIS A 10 -12.95 2.53 12.36
N GLU A 11 -13.77 3.52 11.99
CA GLU A 11 -14.64 3.46 10.84
C GLU A 11 -14.02 4.29 9.72
N PHE A 12 -14.01 3.78 8.48
CA PHE A 12 -13.71 4.61 7.32
C PHE A 12 -14.78 5.69 7.14
N THR A 13 -14.44 6.81 6.50
CA THR A 13 -15.43 7.73 5.93
C THR A 13 -16.23 6.96 4.89
N ALA A 14 -17.50 7.40 4.66
CA ALA A 14 -18.38 6.75 3.68
C ALA A 14 -17.76 6.65 2.27
N GLU A 15 -17.03 7.69 1.84
CA GLU A 15 -16.54 7.80 0.49
C GLU A 15 -15.42 6.76 0.28
N ILE A 16 -14.55 6.56 1.29
CA ILE A 16 -13.51 5.54 1.21
C ILE A 16 -14.11 4.12 1.18
N SER A 17 -15.06 3.81 2.07
N SER A 17 -15.08 3.82 2.05
CA SER A 17 -15.69 2.47 2.04
CA SER A 17 -15.80 2.54 2.05
C SER A 17 -16.45 2.22 0.72
C SER A 17 -16.41 2.25 0.67
N GLN A 18 -17.11 3.24 0.14
N GLN A 18 -17.02 3.28 0.11
CA GLN A 18 -17.72 3.19 -1.21
CA GLN A 18 -17.69 3.14 -1.17
C GLN A 18 -16.70 2.82 -2.29
C GLN A 18 -16.70 2.84 -2.29
N LEU A 19 -15.52 3.50 -2.26
CA LEU A 19 -14.46 3.25 -3.22
C LEU A 19 -13.88 1.85 -3.10
N MET A 20 -13.64 1.38 -1.86
N MET A 20 -13.60 1.40 -1.87
CA MET A 20 -13.12 0.04 -1.60
CA MET A 20 -13.04 0.07 -1.66
C MET A 20 -14.12 -1.02 -2.10
C MET A 20 -14.00 -1.03 -2.15
N SER A 21 -15.41 -0.73 -1.92
N SER A 21 -15.31 -0.84 -1.93
CA SER A 21 -16.46 -1.62 -2.39
CA SER A 21 -16.33 -1.76 -2.44
C SER A 21 -16.43 -1.76 -3.92
C SER A 21 -16.36 -1.81 -3.97
N LEU A 22 -16.29 -0.64 -4.64
CA LEU A 22 -16.16 -0.59 -6.12
C LEU A 22 -14.93 -1.36 -6.61
N ILE A 23 -13.74 -1.08 -6.02
N ILE A 23 -13.74 -1.07 -6.03
CA ILE A 23 -12.50 -1.65 -6.48
CA ILE A 23 -12.47 -1.65 -6.49
C ILE A 23 -12.38 -3.15 -6.19
C ILE A 23 -12.44 -3.15 -6.22
N ILE A 24 -12.86 -3.62 -5.02
CA ILE A 24 -12.76 -5.03 -4.64
C ILE A 24 -13.65 -5.92 -5.54
N ASN A 25 -14.74 -5.34 -6.07
CA ASN A 25 -15.70 -6.03 -6.91
C ASN A 25 -15.51 -5.82 -8.41
N THR A 26 -14.69 -4.83 -8.89
CA THR A 26 -14.62 -4.55 -10.31
C THR A 26 -14.02 -5.74 -11.06
N VAL A 27 -14.53 -5.99 -12.29
CA VAL A 27 -13.99 -6.98 -13.21
C VAL A 27 -13.01 -6.35 -14.21
N TYR A 28 -12.48 -5.11 -13.97
CA TYR A 28 -11.43 -4.47 -14.73
C TYR A 28 -10.30 -5.42 -15.13
N SER A 29 -9.90 -5.35 -16.42
CA SER A 29 -8.99 -6.32 -17.03
C SER A 29 -7.50 -6.19 -16.70
N ASN A 30 -6.99 -4.97 -16.42
N ASN A 30 -7.00 -4.99 -16.36
CA ASN A 30 -5.56 -4.65 -16.32
CA ASN A 30 -5.59 -4.67 -16.32
C ASN A 30 -5.22 -4.43 -14.83
C ASN A 30 -5.21 -4.44 -14.85
N LYS A 31 -5.49 -5.45 -14.01
CA LYS A 31 -5.29 -5.41 -12.56
C LYS A 31 -3.82 -5.23 -12.14
N GLU A 32 -2.86 -5.62 -12.99
CA GLU A 32 -1.44 -5.45 -12.73
C GLU A 32 -1.02 -4.01 -12.41
N ILE A 33 -1.79 -2.95 -12.78
CA ILE A 33 -1.49 -1.56 -12.42
C ILE A 33 -1.48 -1.35 -10.91
N PHE A 34 -2.03 -2.26 -10.07
CA PHE A 34 -1.88 -2.14 -8.62
C PHE A 34 -0.40 -1.96 -8.25
N LEU A 35 0.50 -2.73 -8.87
CA LEU A 35 1.89 -2.77 -8.47
C LEU A 35 2.58 -1.45 -8.78
N ARG A 36 2.27 -0.84 -9.93
CA ARG A 36 2.74 0.50 -10.27
C ARG A 36 2.33 1.50 -9.20
N GLU A 37 1.07 1.43 -8.77
CA GLU A 37 0.57 2.37 -7.78
C GLU A 37 1.27 2.21 -6.45
N LEU A 38 1.52 0.98 -6.01
CA LEU A 38 2.17 0.76 -4.71
C LEU A 38 3.65 1.14 -4.76
N ILE A 39 4.33 0.82 -5.87
CA ILE A 39 5.70 1.26 -6.11
C ILE A 39 5.79 2.79 -6.07
N SER A 40 4.86 3.50 -6.73
N SER A 40 4.87 3.48 -6.75
CA SER A 40 4.82 4.96 -6.73
CA SER A 40 4.83 4.94 -6.74
C SER A 40 4.65 5.53 -5.33
C SER A 40 4.68 5.50 -5.32
N ASN A 41 3.78 4.91 -4.53
CA ASN A 41 3.60 5.31 -3.13
C ASN A 41 4.87 5.09 -2.29
N ALA A 42 5.55 3.97 -2.52
CA ALA A 42 6.78 3.64 -1.84
C ALA A 42 7.87 4.67 -2.16
N SER A 43 8.02 4.97 -3.46
CA SER A 43 8.94 5.99 -3.96
C SER A 43 8.67 7.36 -3.34
N ASP A 44 7.41 7.78 -3.27
CA ASP A 44 7.00 9.03 -2.62
C ASP A 44 7.40 9.10 -1.14
N ALA A 45 7.25 7.99 -0.42
CA ALA A 45 7.62 7.88 0.99
C ALA A 45 9.14 7.96 1.17
N LEU A 46 9.88 7.35 0.25
CA LEU A 46 11.33 7.46 0.18
C LEU A 46 11.79 8.90 -0.08
N ASP A 47 11.11 9.59 -1.00
CA ASP A 47 11.39 10.97 -1.28
C ASP A 47 11.28 11.85 -0.01
N LYS A 48 10.30 11.57 0.83
CA LYS A 48 10.04 12.34 2.03
C LYS A 48 11.15 12.14 3.04
N ILE A 49 11.61 10.90 3.29
CA ILE A 49 12.75 10.72 4.20
C ILE A 49 14.05 11.27 3.64
N ARG A 50 14.27 11.15 2.34
CA ARG A 50 15.43 11.76 1.68
C ARG A 50 15.47 13.28 1.88
N TYR A 51 14.30 13.92 1.69
CA TYR A 51 14.14 15.36 1.89
C TYR A 51 14.51 15.74 3.33
N GLN A 52 13.96 15.03 4.34
CA GLN A 52 14.36 15.29 5.72
C GLN A 52 15.84 15.07 6.02
N ALA A 53 16.38 13.99 5.46
CA ALA A 53 17.79 13.64 5.61
C ALA A 53 18.77 14.67 5.02
N LEU A 54 18.31 15.47 4.03
CA LEU A 54 19.15 16.46 3.35
C LEU A 54 19.60 17.54 4.35
N SER A 55 18.67 17.97 5.22
CA SER A 55 18.95 18.91 6.30
C SER A 55 19.48 18.20 7.54
N ASP A 56 18.92 17.01 7.92
CA ASP A 56 19.32 16.24 9.08
C ASP A 56 19.68 14.80 8.68
N PRO A 57 20.95 14.49 8.29
CA PRO A 57 21.36 13.12 7.98
C PRO A 57 21.10 12.03 9.03
N SER A 58 20.95 12.39 10.32
CA SER A 58 20.66 11.42 11.38
C SER A 58 19.28 10.72 11.27
N GLN A 59 18.31 11.29 10.53
CA GLN A 59 16.99 10.69 10.27
C GLN A 59 17.08 9.37 9.48
N LEU A 60 18.16 9.12 8.73
CA LEU A 60 18.43 7.87 8.05
C LEU A 60 18.94 6.76 8.97
N GLU A 61 19.41 7.05 10.20
CA GLU A 61 20.11 6.05 11.02
C GLU A 61 19.23 4.86 11.41
N SER A 62 17.91 5.06 11.56
CA SER A 62 16.93 3.99 11.76
C SER A 62 16.94 2.89 10.68
N GLU A 63 17.34 3.24 9.46
CA GLU A 63 17.45 2.31 8.35
C GLU A 63 18.26 3.03 7.27
N PRO A 64 19.60 2.89 7.21
CA PRO A 64 20.40 3.69 6.28
C PRO A 64 20.13 3.50 4.80
N GLU A 65 19.61 2.32 4.40
CA GLU A 65 19.42 1.98 2.99
C GLU A 65 18.02 2.42 2.54
N LEU A 66 17.96 2.97 1.31
CA LEU A 66 16.74 3.51 0.69
C LEU A 66 16.36 2.52 -0.40
N PHE A 67 15.29 1.75 -0.18
CA PHE A 67 14.94 0.67 -1.08
C PHE A 67 13.42 0.48 -1.11
N ILE A 68 13.00 -0.21 -2.18
CA ILE A 68 11.70 -0.83 -2.35
C ILE A 68 11.99 -2.32 -2.50
N ARG A 69 11.22 -3.16 -1.80
CA ARG A 69 11.47 -4.60 -1.74
C ARG A 69 10.13 -5.30 -1.89
N ILE A 70 10.07 -6.26 -2.83
CA ILE A 70 8.89 -7.04 -3.13
C ILE A 70 9.18 -8.45 -2.64
N ILE A 71 8.32 -9.00 -1.74
CA ILE A 71 8.54 -10.29 -1.08
C ILE A 71 7.30 -11.16 -1.28
N PRO A 72 7.28 -12.06 -2.28
CA PRO A 72 6.26 -13.09 -2.39
C PRO A 72 6.34 -14.07 -1.23
N GLN A 73 5.22 -14.39 -0.61
CA GLN A 73 5.08 -15.35 0.48
C GLN A 73 4.12 -16.41 -0.05
N LYS A 74 4.62 -17.33 -0.90
CA LYS A 74 3.75 -18.28 -1.64
C LYS A 74 2.87 -19.12 -0.73
N ASP A 75 3.43 -19.63 0.37
CA ASP A 75 2.70 -20.48 1.31
C ASP A 75 1.56 -19.75 2.00
N GLN A 76 1.71 -18.43 2.25
CA GLN A 76 0.62 -17.63 2.83
C GLN A 76 -0.32 -17.01 1.77
N LYS A 77 -0.05 -17.12 0.45
CA LYS A 77 -0.77 -16.42 -0.63
C LYS A 77 -0.73 -14.90 -0.37
N VAL A 78 0.45 -14.42 0.03
CA VAL A 78 0.69 -13.03 0.39
C VAL A 78 1.75 -12.47 -0.53
N LEU A 79 1.58 -11.19 -0.92
CA LEU A 79 2.65 -10.42 -1.54
C LEU A 79 2.94 -9.23 -0.65
N GLU A 80 4.20 -9.04 -0.25
CA GLU A 80 4.63 -7.93 0.57
C GLU A 80 5.36 -6.92 -0.28
N ILE A 81 5.01 -5.63 -0.11
CA ILE A 81 5.67 -4.51 -0.75
C ILE A 81 6.19 -3.63 0.38
N ARG A 82 7.51 -3.60 0.56
CA ARG A 82 8.19 -2.91 1.64
C ARG A 82 8.97 -1.72 1.08
N ASP A 83 8.98 -0.62 1.84
CA ASP A 83 9.87 0.50 1.59
C ASP A 83 10.57 0.90 2.87
N SER A 84 11.71 1.60 2.74
CA SER A 84 12.36 2.26 3.85
C SER A 84 12.11 3.77 3.84
N GLY A 85 10.90 4.18 3.41
CA GLY A 85 10.51 5.57 3.36
C GLY A 85 10.27 6.17 4.76
N ILE A 86 9.61 7.33 4.77
CA ILE A 86 9.36 8.06 6.02
C ILE A 86 8.51 7.28 7.04
N GLY A 87 7.59 6.43 6.56
CA GLY A 87 6.70 5.70 7.43
C GLY A 87 5.55 6.58 7.97
N MET A 88 4.72 5.95 8.79
CA MET A 88 3.51 6.53 9.36
C MET A 88 3.52 6.25 10.85
N THR A 89 3.20 7.31 11.67
CA THR A 89 2.94 7.20 13.10
C THR A 89 1.59 6.53 13.29
N LYS A 90 1.28 6.12 14.53
CA LYS A 90 -0.07 5.65 14.81
C LYS A 90 -1.16 6.66 14.38
N ALA A 91 -0.93 7.94 14.71
CA ALA A 91 -1.85 9.00 14.34
C ALA A 91 -1.96 9.16 12.82
N ASP A 92 -0.87 8.98 12.05
CA ASP A 92 -0.94 8.91 10.59
C ASP A 92 -1.80 7.74 10.09
N LEU A 93 -1.69 6.55 10.72
CA LEU A 93 -2.48 5.40 10.30
C LEU A 93 -3.98 5.55 10.57
N VAL A 94 -4.34 6.10 11.74
N VAL A 94 -4.37 6.16 11.70
CA VAL A 94 -5.69 6.47 12.09
CA VAL A 94 -5.74 6.55 11.94
C VAL A 94 -6.19 7.65 11.23
C VAL A 94 -6.13 7.73 11.02
N ASN A 95 -5.30 8.55 10.74
N ASN A 95 -5.43 8.85 11.15
CA ASN A 95 -5.58 9.64 9.79
CA ASN A 95 -5.74 10.05 10.38
C ASN A 95 -5.31 9.21 8.32
C ASN A 95 -5.78 9.73 8.90
N ASN A 96 -5.96 8.12 7.87
N ASN A 96 -4.58 9.70 8.27
CA ASN A 96 -6.42 7.98 6.49
CA ASN A 96 -4.50 9.50 6.83
C ASN A 96 -7.61 8.94 6.21
C ASN A 96 -5.52 8.45 6.45
N LEU A 97 -8.37 9.39 7.25
N LEU A 97 -5.79 8.40 5.14
CA LEU A 97 -9.56 10.22 7.19
CA LEU A 97 -6.86 7.56 4.64
C LEU A 97 -9.24 11.67 7.55
C LEU A 97 -7.61 8.44 3.67
N GLY A 98 -10.13 12.59 7.15
N GLY A 98 -7.91 9.62 4.21
CA GLY A 98 -9.89 14.04 7.18
CA GLY A 98 -8.96 10.52 3.78
C GLY A 98 -8.67 14.47 6.36
C GLY A 98 -10.04 10.58 4.86
N THR A 99 -8.49 13.83 5.18
N THR A 99 -9.73 10.00 6.04
CA THR A 99 -7.27 13.82 4.37
CA THR A 99 -10.61 10.05 7.20
C THR A 99 -7.67 14.16 2.92
C THR A 99 -10.69 11.50 7.67
N ILE A 100 -6.66 14.37 2.07
N ILE A 100 -9.57 12.21 7.52
CA ILE A 100 -6.79 14.57 0.62
CA ILE A 100 -9.49 13.64 7.71
C ILE A 100 -7.32 13.32 -0.12
C ILE A 100 -9.07 14.28 6.40
N ALA A 101 -7.14 12.11 0.46
N ALA A 101 -8.54 13.46 5.48
CA ALA A 101 -7.85 10.89 0.13
CA ALA A 101 -8.09 13.92 4.18
C ALA A 101 -9.38 11.04 0.04
C ALA A 101 -8.52 12.93 3.09
N LYS A 102 -10.02 11.82 0.95
N LYS A 102 -9.82 12.89 2.80
CA LYS A 102 -11.45 12.19 0.87
CA LYS A 102 -10.35 12.01 1.78
C LYS A 102 -11.81 12.91 -0.44
C LYS A 102 -9.81 12.44 0.41
N SER A 103 -10.97 13.89 -0.84
N SER A 103 -11.25 13.43 -0.75
CA SER A 103 -11.13 14.69 -2.05
CA SER A 103 -11.47 14.35 -1.90
C SER A 103 -10.87 13.87 -3.32
C SER A 103 -11.18 13.61 -3.19
N GLY A 104 -9.78 13.06 -3.29
N GLY A 104 -9.92 13.27 -3.41
CA GLY A 104 -9.49 12.06 -4.31
CA GLY A 104 -9.66 12.39 -4.52
C GLY A 104 -10.56 10.99 -4.56
C GLY A 104 -10.86 11.47 -4.70
N THR A 105 -11.18 10.47 -3.49
N THR A 105 -11.22 10.87 -3.57
CA THR A 105 -12.10 9.33 -3.58
CA THR A 105 -12.00 9.66 -3.52
C THR A 105 -13.37 9.76 -4.31
C THR A 105 -13.29 9.85 -4.32
N LYS A 106 -14.02 10.90 -3.96
CA LYS A 106 -15.33 11.24 -4.53
C LYS A 106 -15.25 11.60 -6.01
N SER A 107 -14.21 12.37 -6.41
CA SER A 107 -14.06 12.77 -7.81
C SER A 107 -13.63 11.58 -8.68
N PHE A 108 -12.81 10.67 -8.13
CA PHE A 108 -12.49 9.45 -8.87
C PHE A 108 -13.72 8.56 -9.15
N MET A 109 -14.58 8.37 -8.14
CA MET A 109 -15.82 7.60 -8.33
C MET A 109 -16.73 8.20 -9.43
N GLU A 110 -16.85 9.52 -9.44
CA GLU A 110 -17.54 10.27 -10.49
C GLU A 110 -16.91 10.03 -11.86
N ALA A 111 -15.57 10.12 -11.93
CA ALA A 111 -14.83 9.81 -13.14
C ALA A 111 -15.09 8.38 -13.62
N LEU A 112 -15.04 7.38 -12.69
CA LEU A 112 -15.36 6.02 -13.07
C LEU A 112 -16.79 5.86 -13.62
N SER A 113 -17.78 6.53 -13.02
CA SER A 113 -19.16 6.54 -13.53
C SER A 113 -19.25 7.10 -14.96
N ALA A 114 -18.44 8.14 -15.26
CA ALA A 114 -18.34 8.73 -16.61
C ALA A 114 -17.54 7.96 -17.64
N GLY A 115 -16.82 6.88 -17.26
CA GLY A 115 -16.14 5.94 -18.12
C GLY A 115 -14.63 5.96 -17.98
N ALA A 116 -14.06 6.67 -16.96
CA ALA A 116 -12.63 6.67 -16.73
C ALA A 116 -12.09 5.25 -16.59
N ASP A 117 -10.89 5.05 -17.14
CA ASP A 117 -10.14 3.82 -16.91
C ASP A 117 -9.72 3.77 -15.43
N VAL A 118 -9.87 2.59 -14.79
CA VAL A 118 -9.39 2.37 -13.42
C VAL A 118 -7.90 2.74 -13.27
N SER A 119 -7.07 2.57 -14.31
CA SER A 119 -5.66 2.98 -14.28
C SER A 119 -5.43 4.47 -14.03
N MET A 120 -6.46 5.34 -14.11
CA MET A 120 -6.35 6.75 -13.76
C MET A 120 -6.38 6.99 -12.24
N ILE A 121 -6.57 5.93 -11.39
CA ILE A 121 -6.69 6.07 -9.96
C ILE A 121 -5.57 6.89 -9.32
N GLY A 122 -4.33 6.70 -9.77
CA GLY A 122 -3.17 7.46 -9.23
C GLY A 122 -3.24 8.95 -9.47
N GLN A 123 -3.86 9.38 -10.57
CA GLN A 123 -4.07 10.79 -10.88
C GLN A 123 -5.03 11.48 -9.92
N PHE A 124 -5.90 10.73 -9.25
CA PHE A 124 -6.79 11.21 -8.20
C PHE A 124 -6.18 11.07 -6.81
N GLY A 125 -4.93 10.61 -6.65
CA GLY A 125 -4.30 10.48 -5.35
C GLY A 125 -4.80 9.35 -4.47
N VAL A 126 -5.54 8.35 -5.03
CA VAL A 126 -6.09 7.25 -4.24
C VAL A 126 -5.60 5.92 -4.79
N GLY A 127 -4.41 5.88 -5.41
CA GLY A 127 -3.88 4.66 -5.98
C GLY A 127 -3.55 3.56 -4.96
N PHE A 128 -3.39 3.88 -3.66
CA PHE A 128 -3.28 2.84 -2.62
C PHE A 128 -4.43 1.81 -2.72
N TYR A 129 -5.66 2.30 -2.93
CA TYR A 129 -6.86 1.43 -2.91
C TYR A 129 -6.93 0.49 -4.11
N SER A 130 -6.08 0.68 -5.14
CA SER A 130 -5.89 -0.25 -6.26
C SER A 130 -5.43 -1.63 -5.81
N LEU A 131 -4.86 -1.78 -4.61
CA LEU A 131 -4.48 -3.09 -4.06
C LEU A 131 -5.69 -4.04 -3.99
N PHE A 132 -6.91 -3.50 -3.82
CA PHE A 132 -8.13 -4.30 -3.78
C PHE A 132 -8.52 -4.89 -5.13
N LEU A 133 -7.87 -4.50 -6.23
CA LEU A 133 -7.96 -5.24 -7.50
C LEU A 133 -7.50 -6.69 -7.33
N VAL A 134 -6.43 -6.93 -6.56
CA VAL A 134 -5.78 -8.23 -6.44
C VAL A 134 -5.87 -8.88 -5.07
N ALA A 135 -6.29 -8.15 -4.02
CA ALA A 135 -6.22 -8.58 -2.64
C ALA A 135 -7.59 -8.39 -2.03
N ASP A 136 -8.00 -9.31 -1.16
CA ASP A 136 -9.25 -9.16 -0.44
C ASP A 136 -9.06 -8.58 0.94
N HIS A 137 -7.84 -8.58 1.51
CA HIS A 137 -7.53 -7.83 2.70
C HIS A 137 -6.04 -7.50 2.73
N VAL A 138 -5.72 -6.55 3.62
CA VAL A 138 -4.39 -5.95 3.64
C VAL A 138 -4.04 -5.62 5.08
N GLN A 139 -2.75 -5.81 5.41
CA GLN A 139 -2.12 -5.23 6.57
C GLN A 139 -1.12 -4.20 6.09
N VAL A 140 -1.12 -3.02 6.72
CA VAL A 140 -0.13 -1.98 6.49
C VAL A 140 0.68 -1.89 7.77
N ILE A 141 1.95 -2.32 7.72
CA ILE A 141 2.88 -2.28 8.84
C ILE A 141 3.70 -1.01 8.64
N SER A 142 3.81 -0.14 9.67
CA SER A 142 4.57 1.06 9.46
C SER A 142 5.36 1.47 10.69
N LYS A 143 6.54 2.09 10.45
CA LYS A 143 7.43 2.56 11.50
C LYS A 143 7.96 3.92 11.07
N HIS A 144 7.57 4.97 11.82
CA HIS A 144 8.07 6.33 11.63
C HIS A 144 9.13 6.56 12.72
N ASN A 145 10.10 7.44 12.47
CA ASN A 145 11.13 7.82 13.46
C ASN A 145 10.58 8.36 14.78
N ASP A 146 9.39 8.94 14.78
CA ASP A 146 8.73 9.55 15.93
C ASP A 146 7.84 8.57 16.69
N ASP A 147 7.65 7.28 16.26
CA ASP A 147 6.73 6.40 16.93
C ASP A 147 7.21 4.93 16.90
N GLU A 148 6.45 4.08 17.56
CA GLU A 148 6.58 2.63 17.57
C GLU A 148 6.04 2.06 16.26
N GLN A 149 6.35 0.78 16.02
CA GLN A 149 5.84 0.07 14.85
C GLN A 149 4.38 -0.30 15.12
N TYR A 150 3.47 -0.01 14.17
CA TYR A 150 2.04 -0.34 14.25
C TYR A 150 1.61 -1.12 13.01
N VAL A 151 0.47 -1.82 13.13
CA VAL A 151 -0.18 -2.56 12.05
C VAL A 151 -1.59 -2.00 11.89
N TRP A 152 -1.88 -1.49 10.68
CA TRP A 152 -3.22 -1.14 10.23
C TRP A 152 -3.78 -2.30 9.42
N GLU A 153 -5.06 -2.64 9.60
CA GLU A 153 -5.65 -3.77 8.87
C GLU A 153 -7.06 -3.49 8.36
N SER A 154 -7.36 -3.90 7.12
CA SER A 154 -8.61 -3.62 6.40
C SER A 154 -8.99 -4.79 5.47
N ASN A 155 -10.30 -5.04 5.30
CA ASN A 155 -10.87 -6.08 4.43
C ASN A 155 -11.76 -5.45 3.34
N ALA A 156 -11.53 -4.19 2.94
CA ALA A 156 -12.39 -3.41 2.05
C ALA A 156 -13.79 -3.12 2.61
N GLY A 157 -14.07 -3.40 3.92
CA GLY A 157 -15.35 -3.12 4.55
C GLY A 157 -15.33 -1.71 5.14
N GLY A 158 -16.29 -1.45 6.05
CA GLY A 158 -16.42 -0.17 6.72
C GLY A 158 -15.44 0.10 7.87
N LYS A 159 -14.71 -0.91 8.39
CA LYS A 159 -13.92 -0.82 9.61
C LYS A 159 -12.46 -1.12 9.31
N PHE A 160 -11.53 -0.51 10.07
CA PHE A 160 -10.13 -0.92 10.10
C PHE A 160 -9.66 -0.96 11.55
N THR A 161 -8.53 -1.65 11.78
CA THR A 161 -7.89 -1.70 13.10
C THR A 161 -6.49 -1.12 13.03
N VAL A 162 -6.01 -0.57 14.16
CA VAL A 162 -4.65 -0.12 14.39
C VAL A 162 -4.23 -0.80 15.70
N THR A 163 -3.13 -1.59 15.64
CA THR A 163 -2.62 -2.38 16.75
C THR A 163 -1.10 -2.17 16.83
N LEU A 164 -0.58 -1.98 18.07
CA LEU A 164 0.85 -1.96 18.35
C LEU A 164 1.44 -3.28 17.84
N ASP A 165 2.50 -3.16 17.01
CA ASP A 165 3.02 -4.32 16.30
C ASP A 165 3.93 -5.11 17.27
N GLU A 166 3.44 -6.26 17.73
CA GLU A 166 4.21 -7.21 18.54
C GLU A 166 4.40 -8.56 17.84
N THR A 167 4.22 -8.65 16.50
CA THR A 167 4.18 -9.91 15.77
C THR A 167 4.96 -9.92 14.46
N ASN A 168 5.33 -8.76 13.85
CA ASN A 168 6.04 -8.77 12.57
C ASN A 168 7.50 -8.44 12.78
N GLU A 169 8.32 -8.72 11.74
N GLU A 169 8.32 -8.70 11.74
CA GLU A 169 9.69 -8.25 11.66
CA GLU A 169 9.71 -8.25 11.66
C GLU A 169 9.74 -6.73 11.85
C GLU A 169 9.77 -6.73 11.80
N ARG A 170 10.79 -6.26 12.54
CA ARG A 170 11.06 -4.84 12.70
C ARG A 170 11.46 -4.22 11.36
N LEU A 171 10.76 -3.16 10.94
CA LEU A 171 11.09 -2.47 9.69
C LEU A 171 12.30 -1.57 9.78
N GLY A 172 12.62 -1.07 11.00
CA GLY A 172 13.66 -0.08 11.18
C GLY A 172 13.05 1.30 10.95
N ARG A 173 12.64 1.54 9.70
CA ARG A 173 11.78 2.64 9.33
C ARG A 173 11.12 2.27 8.01
N GLY A 174 9.91 2.76 7.81
CA GLY A 174 9.23 2.66 6.53
C GLY A 174 7.94 1.86 6.69
N THR A 175 7.45 1.30 5.58
CA THR A 175 6.12 0.72 5.47
C THR A 175 6.20 -0.58 4.68
N MET A 176 5.42 -1.56 5.11
CA MET A 176 5.24 -2.80 4.38
C MET A 176 3.76 -3.06 4.24
N LEU A 177 3.29 -3.16 3.00
CA LEU A 177 1.94 -3.59 2.67
C LEU A 177 1.98 -5.12 2.54
N ARG A 178 1.11 -5.81 3.27
CA ARG A 178 0.96 -7.27 3.20
C ARG A 178 -0.37 -7.51 2.49
N LEU A 179 -0.33 -7.85 1.20
CA LEU A 179 -1.51 -8.09 0.41
C LEU A 179 -1.86 -9.58 0.52
N PHE A 180 -3.09 -9.85 0.93
CA PHE A 180 -3.65 -11.21 1.00
C PHE A 180 -4.40 -11.42 -0.31
N LEU A 181 -3.73 -12.12 -1.23
CA LEU A 181 -4.13 -12.18 -2.62
C LEU A 181 -5.43 -12.99 -2.75
N LYS A 182 -6.30 -12.50 -3.65
CA LYS A 182 -7.46 -13.24 -4.13
C LYS A 182 -6.99 -14.55 -4.78
N GLU A 183 -7.83 -15.61 -4.71
N GLU A 183 -7.86 -15.57 -4.77
CA GLU A 183 -7.45 -16.93 -5.20
CA GLU A 183 -7.50 -16.93 -5.22
C GLU A 183 -7.19 -16.98 -6.72
C GLU A 183 -7.22 -17.01 -6.72
N ASP A 184 -7.81 -16.09 -7.50
CA ASP A 184 -7.56 -15.93 -8.94
C ASP A 184 -6.38 -14.98 -9.27
N GLN A 185 -5.67 -14.41 -8.27
CA GLN A 185 -4.61 -13.43 -8.54
C GLN A 185 -3.26 -13.91 -8.04
N LEU A 186 -3.04 -15.23 -7.93
CA LEU A 186 -1.78 -15.78 -7.42
C LEU A 186 -0.62 -15.70 -8.41
N GLU A 187 -0.86 -15.29 -9.67
CA GLU A 187 0.19 -14.98 -10.62
C GLU A 187 1.16 -13.93 -10.06
N TYR A 188 0.70 -12.99 -9.18
CA TYR A 188 1.57 -11.95 -8.60
C TYR A 188 2.51 -12.48 -7.52
N LEU A 189 2.53 -13.78 -7.21
CA LEU A 189 3.58 -14.44 -6.42
C LEU A 189 4.78 -14.91 -7.23
N GLU A 190 4.71 -14.92 -8.58
CA GLU A 190 5.70 -15.54 -9.45
C GLU A 190 6.74 -14.50 -9.85
N GLU A 191 8.03 -14.84 -9.72
CA GLU A 191 9.16 -13.99 -10.08
C GLU A 191 9.00 -13.42 -11.50
N LYS A 192 8.69 -14.28 -12.47
CA LYS A 192 8.63 -13.89 -13.88
C LYS A 192 7.56 -12.81 -14.08
N ARG A 193 6.38 -13.02 -13.49
CA ARG A 193 5.27 -12.08 -13.57
C ARG A 193 5.58 -10.72 -12.94
N ILE A 194 6.14 -10.73 -11.71
CA ILE A 194 6.49 -9.52 -10.99
C ILE A 194 7.52 -8.73 -11.80
N LYS A 195 8.56 -9.41 -12.35
CA LYS A 195 9.55 -8.75 -13.18
C LYS A 195 8.92 -8.04 -14.39
N GLU A 196 8.01 -8.73 -15.10
CA GLU A 196 7.29 -8.19 -16.25
C GLU A 196 6.57 -6.89 -15.90
N VAL A 197 5.86 -6.88 -14.77
CA VAL A 197 5.00 -5.77 -14.36
C VAL A 197 5.88 -4.57 -13.94
N VAL A 198 6.93 -4.84 -13.17
CA VAL A 198 7.89 -3.80 -12.76
C VAL A 198 8.51 -3.15 -13.99
N LYS A 199 9.02 -3.97 -14.92
CA LYS A 199 9.68 -3.47 -16.13
C LYS A 199 8.75 -2.65 -17.01
N LYS A 200 7.47 -3.02 -17.09
CA LYS A 200 6.52 -2.34 -17.96
C LYS A 200 6.11 -0.99 -17.38
N HIS A 201 5.72 -0.97 -16.10
CA HIS A 201 5.04 0.16 -15.50
C HIS A 201 5.93 1.01 -14.60
N SER A 202 7.13 0.56 -14.19
CA SER A 202 7.94 1.25 -13.18
C SER A 202 9.39 1.37 -13.66
N GLU A 203 9.59 1.82 -14.91
CA GLU A 203 10.94 2.04 -15.46
C GLU A 203 11.68 3.20 -14.75
N PHE A 204 10.97 4.29 -14.41
CA PHE A 204 11.59 5.51 -13.89
C PHE A 204 11.30 5.58 -12.40
N VAL A 205 12.09 4.87 -11.61
CA VAL A 205 12.03 4.87 -10.16
C VAL A 205 13.46 5.10 -9.68
N ALA A 206 13.62 5.99 -8.69
CA ALA A 206 14.93 6.50 -8.28
C ALA A 206 15.63 5.55 -7.33
N TYR A 207 14.92 4.54 -6.78
CA TYR A 207 15.38 3.66 -5.74
C TYR A 207 15.46 2.26 -6.33
N PRO A 208 16.34 1.39 -5.80
CA PRO A 208 16.36 0.01 -6.22
C PRO A 208 15.05 -0.71 -5.87
N ILE A 209 14.52 -1.45 -6.85
CA ILE A 209 13.37 -2.31 -6.65
C ILE A 209 13.94 -3.72 -6.51
N GLN A 210 13.92 -4.25 -5.30
CA GLN A 210 14.53 -5.53 -4.94
C GLN A 210 13.43 -6.60 -4.95
N LEU A 211 13.66 -7.75 -5.57
CA LEU A 211 12.71 -8.87 -5.57
C LEU A 211 13.36 -10.01 -4.78
N VAL A 212 12.61 -10.55 -3.83
CA VAL A 212 13.08 -11.57 -2.91
C VAL A 212 12.52 -12.87 -3.44
N VAL A 213 13.37 -13.80 -3.89
CA VAL A 213 12.95 -15.03 -4.55
C VAL A 213 13.46 -16.21 -3.69
N THR A 214 12.58 -17.21 -3.51
CA THR A 214 12.85 -18.40 -2.71
C THR A 214 12.95 -19.56 -3.69
N LYS A 215 14.13 -20.23 -3.77
CA LYS A 215 14.34 -21.35 -4.67
C LYS A 215 14.97 -22.49 -3.88
N GLU A 216 14.56 -23.73 -4.20
N GLU A 216 14.55 -23.75 -4.16
CA GLU A 216 15.13 -24.92 -3.58
CA GLU A 216 15.18 -24.93 -3.60
C GLU A 216 16.57 -25.09 -4.13
C GLU A 216 16.61 -25.06 -4.14
N VAL A 217 17.55 -25.40 -3.24
CA VAL A 217 18.92 -25.76 -3.62
C VAL A 217 18.82 -27.22 -4.15
N GLU A 218 19.21 -27.45 -5.41
CA GLU A 218 19.12 -28.75 -6.09
C GLU A 218 20.50 -29.40 -6.18
N LYS A 219 20.53 -30.71 -6.53
CA LYS A 219 21.76 -31.51 -6.61
C LYS A 219 22.69 -31.02 -7.74
C13 A1A26 B . 3.03 9.34 5.19
C18 A1A26 B . -3.37 2.74 5.11
C17 A1A26 B . -3.32 3.59 3.83
C16 A1A26 B . -3.16 4.88 3.87
C15 A1A26 B . -4.42 6.75 0.92
C19 A1A26 B . -3.19 3.32 6.27
C20 A1A26 B . -3.00 4.83 6.28
C11 A1A26 B . 2.26 4.35 1.54
C12 A1A26 B . 3.68 4.11 1.92
C1 A1A26 B . 1.99 7.54 3.61
C2 A1A26 B . 3.01 8.11 4.35
C3 A1A26 B . 3.75 5.97 3.22
C4 A1A26 B . 2.40 6.41 2.93
C5 A1A26 B . 0.39 5.85 1.69
C6 A1A26 B . -0.58 5.60 2.49
C7 A1A26 B . -1.93 6.00 1.97
C8 A1A26 B . -2.10 6.58 0.72
C9 A1A26 B . -0.96 6.83 -0.15
C10 A1A26 B . 0.30 6.49 0.31
C14 A1A26 B . -4.45 5.99 2.16
C21 A1A26 B . -2.96 5.52 5.17
C22 A1A26 B . 1.99 11.45 5.62
C23 A1A26 B . 0.61 12.08 5.39
C24 A1A26 B . 0.48 13.32 6.25
C25 A1A26 B . 2.94 13.69 6.07
C26 A1A26 B . 3.13 12.42 5.26
C27 A1A26 B . 1.36 15.49 6.56
C28 A1A26 B . 1.02 16.69 5.62
C29 A1A26 B . 1.90 16.99 4.36
C30 A1A26 B . 0.99 17.85 6.63
C31 A1A26 B . 1.76 19.41 3.83
C32 A1A26 B . 0.16 19.49 2.42
C33 A1A26 B . 2.33 18.31 7.30
C34 A1A26 B . 2.34 19.27 8.23
C35 A1A26 B . 1.05 19.98 8.54
C36 A1A26 B . -0.08 19.59 7.97
C37 A1A26 B . -0.15 18.47 6.97
F1 A1A26 B . 3.52 17.70 7.00
F2 A1A26 B . 1.00 20.98 9.45
N1 A1A26 B . 1.69 5.51 2.09
N2 A1A26 B . 4.30 3.02 1.36
N3 A1A26 B . 4.38 4.85 2.75
N4 A1A26 B . -3.13 5.68 2.72
N5 A1A26 B . 2.04 10.27 4.74
N6 A1A26 B . 1.57 14.24 5.84
N7 A1A26 B . 1.39 18.14 3.66
N8 A1A26 B . 1.08 20.22 3.11
N9 A1A26 B . 0.34 18.15 2.76
O1 A1A26 B . 1.61 3.58 0.66
O2 A1A26 B . -3.37 6.96 0.13
O3 A1A26 B . -0.25 16.30 5.10
S1 A1A26 B . 4.45 7.14 4.34
H7 A1A26 B . 3.93 9.71 5.14
H8 A1A26 B . 2.86 9.08 6.10
H14 A1A26 B . -3.50 1.83 5.07
H13 A1A26 B . -3.44 3.22 3.01
H12 A1A26 B . -5.07 6.34 0.33
H11 A1A26 B . -4.72 7.66 1.12
H15 A1A26 B . -3.21 2.84 7.05
H16 A1A26 B . -2.86 5.27 7.07
H1 A1A26 B . 1.17 7.94 3.49
H2 A1A26 B . -0.44 5.18 3.30
H3 A1A26 B . -1.06 7.24 -0.98
H4 A1A26 B . 1.03 6.66 -0.21
H10 A1A26 B . -4.95 5.18 2.01
H9 A1A26 B . -4.86 6.54 2.81
H17 A1A26 B . -2.82 6.40 5.13
H18 A1A26 B . 2.05 11.24 6.57
H20 A1A26 B . 0.46 12.27 4.45
H19 A1A26 B . -0.05 11.53 5.70
H22 A1A26 B . -0.41 13.69 6.08
H21 A1A26 B . 0.57 13.07 7.18
H23 A1A26 B . 3.05 13.46 7.01
H24 A1A26 B . 3.60 14.33 5.80
H26 A1A26 B . 4.00 12.05 5.49
H25 A1A26 B . 3.11 12.65 4.32
H28 A1A26 B . 0.63 15.46 7.22
H27 A1A26 B . 2.10 15.61 7.16
H30 A1A26 B . 2.83 17.13 4.57
H29 A1A26 B . 1.85 16.26 3.73
H32 A1A26 B . 2.37 19.64 4.40
H33 A1A26 B . -0.45 19.83 1.80
H34 A1A26 B . 3.13 19.54 8.59
H35 A1A26 B . -0.85 20.03 8.19
H36 A1A26 B . -0.98 18.27 6.62
H5 A1A26 B . 3.88 2.49 0.81
H6 A1A26 B . 5.12 2.83 1.55
H39 A1A26 B . 2.17 10.51 3.88
H37 A1A26 B . 1.25 9.87 4.80
H38 A1A26 B . 1.50 14.31 4.96
MG MG C . 11.79 13.44 14.46
#